data_3PBQ
#
_entry.id   3PBQ
#
_cell.length_a   68.443
_cell.length_b   80.179
_cell.length_c   87.610
_cell.angle_alpha   90.00
_cell.angle_beta   90.00
_cell.angle_gamma   90.00
#
_symmetry.space_group_name_H-M   'P 21 21 21'
#
loop_
_entity.id
_entity.type
_entity.pdbx_description
1 polymer 'Penicillin-binding protein 3'
2 non-polymer '(5R)-5-[(1S,2R)-1-formyl-2-hydroxypropyl]-3-[(2-{[(E)-iminomethyl]amino}ethyl)sulfanyl]-4,5-dihydro-1H-pyrrole-2-carbox ylic acid'
3 water water
#
_entity_poly.entity_id   1
_entity_poly.type   'polypeptide(L)'
_entity_poly.pdbx_seq_one_letter_code
;MGHHHHHHARSVRHIAIPAHRGLITDRNGEPLAVSTPVTTLWANPKELMTAKERWPQLAAALGQDTKLFADRIEQNAERE
FIYLVRGLTPEQGEGVIALKVPGVYSIEEFRRFYPAGEVVAHAVGFTDVDDRGREGIELAFDEWLAGVPGKRQVLKDRRG
RVIKDVQVTKNAKPGKTLALSIDLRLQYLAHRELRNALLENGAKAGSLVIMDVKTGEILAMTNQPTYNPNNRRNLQPAAM
RNRAMIDVFEPGSTVKPFSMSAALASGRWKPSDIVDVYPGTLQIGRYTIRDVSRNSRQLDLTGILIKSSNVGISKIAFDI
GAESIYSVMQQVGLGQDTGLGFPGERVGNLPNHRKWPKAETATLAYGYGLSVTAIQLAHAYAALANDGKSVPLSMTRVDR
VPDGVQVISPEVASTVQGMLQQVVEAQGGVFRAQVPGYHAAGKSGTARKVSVGTKGYRENAYRSLFAGFAPATDPRIAMV
VVIDEPSKAGYFGGLVSAPVFSKVMAGALRLMNVPPDNLPTATEQQQVNAAPAKGGRG
;
_entity_poly.pdbx_strand_id   A
#
# COMPACT_ATOMS: atom_id res chain seq x y z
N VAL A 12 21.17 16.64 32.09
CA VAL A 12 22.27 16.72 33.07
C VAL A 12 23.44 17.59 32.57
N ARG A 13 24.11 17.20 31.46
CA ARG A 13 25.23 17.94 30.86
C ARG A 13 24.83 18.53 29.50
N HIS A 14 24.19 17.71 28.65
CA HIS A 14 23.70 18.13 27.34
C HIS A 14 22.23 17.78 27.22
N ILE A 15 21.44 18.71 26.67
CA ILE A 15 20.03 18.51 26.37
C ILE A 15 19.83 18.84 24.89
N ALA A 16 19.28 17.89 24.15
CA ALA A 16 19.08 18.03 22.71
C ALA A 16 18.10 19.15 22.36
N ILE A 17 18.34 19.83 21.23
CA ILE A 17 17.42 20.85 20.74
C ILE A 17 16.69 20.15 19.57
N PRO A 18 15.42 19.71 19.75
CA PRO A 18 14.71 19.04 18.62
C PRO A 18 14.68 19.86 17.33
N ALA A 19 14.81 19.15 16.18
CA ALA A 19 14.78 19.79 14.87
C ALA A 19 13.38 19.63 14.25
N HIS A 20 12.98 20.61 13.47
CA HIS A 20 11.71 20.64 12.72
C HIS A 20 11.77 19.48 11.72
N ARG A 21 10.82 18.57 11.78
CA ARG A 21 10.82 17.43 10.86
C ARG A 21 10.15 17.83 9.53
N GLY A 22 10.72 17.36 8.42
CA GLY A 22 10.26 17.71 7.06
C GLY A 22 8.79 17.47 6.82
N LEU A 23 8.14 18.38 6.12
CA LEU A 23 6.71 18.24 5.81
C LEU A 23 6.53 17.11 4.80
N ILE A 24 5.52 16.26 4.98
CA ILE A 24 5.18 15.27 3.94
C ILE A 24 3.93 15.81 3.26
N THR A 25 3.95 15.92 1.94
CA THR A 25 2.76 16.33 1.17
C THR A 25 2.38 15.21 0.22
N ASP A 26 1.18 15.30 -0.40
CA ASP A 26 0.85 14.40 -1.49
C ASP A 26 1.57 14.99 -2.73
N ARG A 27 1.33 14.38 -3.88
CA ARG A 27 2.04 14.79 -5.09
C ARG A 27 1.72 16.23 -5.54
N ASN A 28 0.59 16.79 -5.06
CA ASN A 28 0.10 18.13 -5.45
C ASN A 28 0.32 19.14 -4.35
N GLY A 29 1.10 18.77 -3.33
CA GLY A 29 1.40 19.68 -2.24
C GLY A 29 0.40 19.74 -1.10
N GLU A 30 -0.61 18.83 -1.09
CA GLU A 30 -1.55 18.80 0.02
C GLU A 30 -0.89 18.25 1.29
N PRO A 31 -1.09 18.89 2.46
CA PRO A 31 -0.36 18.44 3.67
C PRO A 31 -0.81 17.09 4.22
N LEU A 32 0.19 16.19 4.47
CA LEU A 32 -0.09 14.84 4.98
C LEU A 32 0.54 14.57 6.34
N ALA A 33 1.72 15.17 6.61
CA ALA A 33 2.33 15.03 7.94
C ALA A 33 3.03 16.34 8.23
N VAL A 34 2.59 17.02 9.31
CA VAL A 34 3.10 18.38 9.60
C VAL A 34 3.72 18.41 11.00
N SER A 35 4.93 18.96 11.08
CA SER A 35 5.65 19.15 12.35
C SER A 35 5.16 20.48 12.94
N THR A 36 4.50 20.39 14.08
CA THR A 36 3.87 21.56 14.72
C THR A 36 4.55 21.86 16.06
N PRO A 37 4.96 23.13 16.31
CA PRO A 37 5.58 23.44 17.62
C PRO A 37 4.62 23.13 18.77
N VAL A 38 5.16 22.53 19.82
CA VAL A 38 4.45 22.19 21.05
C VAL A 38 5.36 22.57 22.21
N THR A 39 4.81 22.74 23.41
CA THR A 39 5.63 23.09 24.59
C THR A 39 5.65 21.87 25.51
N THR A 40 6.85 21.43 25.87
CA THR A 40 7.10 20.31 26.76
C THR A 40 7.63 20.89 28.08
N LEU A 41 7.13 20.35 29.21
CA LEU A 41 7.61 20.80 30.51
C LEU A 41 8.47 19.74 31.11
N TRP A 42 9.61 20.14 31.64
CA TRP A 42 10.52 19.23 32.31
C TRP A 42 10.88 19.81 33.65
N ALA A 43 11.47 18.99 34.52
CA ALA A 43 11.86 19.45 35.84
C ALA A 43 13.15 18.84 36.27
N ASN A 44 13.83 19.56 37.16
CA ASN A 44 15.03 19.09 37.81
C ASN A 44 14.52 18.65 39.20
N PRO A 45 14.41 17.33 39.46
CA PRO A 45 13.88 16.88 40.75
C PRO A 45 14.67 17.39 41.94
N LYS A 46 16.00 17.63 41.78
CA LYS A 46 16.83 18.15 42.89
C LYS A 46 16.37 19.54 43.35
N GLU A 47 15.90 20.38 42.41
CA GLU A 47 15.40 21.71 42.75
C GLU A 47 13.92 21.62 43.14
N LEU A 48 13.16 20.73 42.48
CA LEU A 48 11.75 20.55 42.83
C LEU A 48 11.58 20.06 44.26
N MET A 49 12.54 19.25 44.76
CA MET A 49 12.55 18.73 46.12
C MET A 49 12.67 19.81 47.23
N THR A 50 13.06 21.04 46.84
CA THR A 50 13.22 22.18 47.75
C THR A 50 11.94 23.05 47.80
N ALA A 51 10.92 22.65 47.03
CA ALA A 51 9.70 23.44 46.89
C ALA A 51 8.48 22.54 46.92
N LYS A 52 8.46 21.59 47.88
CA LYS A 52 7.37 20.62 48.01
C LYS A 52 6.01 21.28 48.15
N GLU A 53 5.93 22.42 48.85
CA GLU A 53 4.66 23.12 48.99
C GLU A 53 4.01 23.57 47.67
N ARG A 54 4.80 23.66 46.56
CA ARG A 54 4.25 24.05 45.26
C ARG A 54 3.74 22.86 44.45
N TRP A 55 4.13 21.65 44.82
CA TRP A 55 3.78 20.47 44.04
C TRP A 55 2.29 20.28 43.78
N PRO A 56 1.39 20.45 44.79
CA PRO A 56 -0.03 20.18 44.53
C PRO A 56 -0.66 21.09 43.48
N GLN A 57 -0.26 22.38 43.44
CA GLN A 57 -0.75 23.32 42.42
C GLN A 57 -0.20 22.91 41.05
N LEU A 58 1.08 22.46 41.01
CA LEU A 58 1.71 22.01 39.77
C LEU A 58 1.02 20.74 39.25
N ALA A 59 0.79 19.75 40.15
CA ALA A 59 0.08 18.51 39.82
C ALA A 59 -1.31 18.86 39.30
N ALA A 60 -2.03 19.79 39.97
CA ALA A 60 -3.37 20.22 39.56
C ALA A 60 -3.38 20.92 38.20
N ALA A 61 -2.36 21.78 37.93
CA ALA A 61 -2.23 22.48 36.65
C ALA A 61 -1.97 21.49 35.52
N LEU A 62 -1.30 20.37 35.83
CA LEU A 62 -0.97 19.29 34.89
C LEU A 62 -2.08 18.24 34.78
N GLY A 63 -3.10 18.34 35.65
CA GLY A 63 -4.20 17.38 35.71
C GLY A 63 -3.76 16.01 36.20
N GLN A 64 -2.77 15.99 37.11
CA GLN A 64 -2.20 14.76 37.65
C GLN A 64 -2.60 14.60 39.11
N ASP A 65 -2.70 13.34 39.55
CA ASP A 65 -3.00 12.98 40.93
C ASP A 65 -1.85 13.47 41.81
N THR A 66 -2.18 14.07 42.95
CA THR A 66 -1.17 14.62 43.85
C THR A 66 -0.20 13.56 44.34
N LYS A 67 -0.71 12.37 44.71
CA LYS A 67 0.13 11.32 45.25
C LYS A 67 1.01 10.70 44.19
N LEU A 68 0.47 10.45 42.99
CA LEU A 68 1.22 9.85 41.90
C LEU A 68 2.30 10.83 41.44
N PHE A 69 1.95 12.13 41.41
CA PHE A 69 2.93 13.16 41.05
C PHE A 69 4.06 13.23 42.10
N ALA A 70 3.71 13.30 43.41
CA ALA A 70 4.72 13.38 44.49
C ALA A 70 5.61 12.13 44.50
N ASP A 71 5.02 10.92 44.33
CA ASP A 71 5.81 9.68 44.33
C ASP A 71 6.81 9.69 43.16
N ARG A 72 6.39 10.18 42.00
CA ARG A 72 7.26 10.27 40.83
C ARG A 72 8.44 11.20 41.10
N ILE A 73 8.20 12.36 41.75
CA ILE A 73 9.30 13.27 42.07
C ILE A 73 10.24 12.62 43.10
N GLU A 74 9.67 12.06 44.18
CA GLU A 74 10.41 11.42 45.26
C GLU A 74 11.30 10.27 44.81
N GLN A 75 10.77 9.41 43.93
CA GLN A 75 11.53 8.27 43.38
C GLN A 75 12.65 8.72 42.46
N ASN A 76 12.52 9.93 41.86
CA ASN A 76 13.51 10.51 40.96
C ASN A 76 14.32 11.65 41.61
N ALA A 77 14.27 11.78 42.96
CA ALA A 77 14.94 12.85 43.75
C ALA A 77 16.41 13.09 43.46
N GLU A 78 17.14 12.06 43.01
CA GLU A 78 18.58 12.14 42.70
C GLU A 78 18.85 12.40 41.20
N ARG A 79 17.79 12.43 40.35
CA ARG A 79 17.89 12.71 38.91
C ARG A 79 17.88 14.24 38.73
N GLU A 80 18.35 14.73 37.56
CA GLU A 80 18.41 16.16 37.22
C GLU A 80 17.50 16.53 36.07
N PHE A 81 16.87 15.52 35.46
CA PHE A 81 15.94 15.72 34.35
C PHE A 81 14.86 14.63 34.38
N ILE A 82 13.60 15.05 34.30
CA ILE A 82 12.41 14.21 34.15
C ILE A 82 11.37 15.04 33.36
N TYR A 83 10.60 14.39 32.46
CA TYR A 83 9.54 15.12 31.75
C TYR A 83 8.32 15.20 32.70
N LEU A 84 7.65 16.36 32.72
CA LEU A 84 6.43 16.49 33.52
C LEU A 84 5.26 16.16 32.60
N VAL A 85 5.25 16.80 31.41
CA VAL A 85 4.24 16.62 30.37
C VAL A 85 4.87 17.00 29.01
N ARG A 86 4.45 16.29 27.94
CA ARG A 86 4.95 16.55 26.58
C ARG A 86 3.80 16.84 25.63
N GLY A 87 4.03 17.73 24.68
CA GLY A 87 3.06 18.05 23.64
C GLY A 87 1.99 19.07 23.95
N LEU A 88 2.17 19.91 25.02
CA LEU A 88 1.20 20.96 25.34
C LEU A 88 1.24 22.05 24.29
N THR A 89 0.17 22.84 24.19
CA THR A 89 0.14 23.98 23.26
C THR A 89 0.98 25.12 23.89
N PRO A 90 1.62 26.02 23.09
CA PRO A 90 2.38 27.12 23.69
C PRO A 90 1.63 27.91 24.77
N GLU A 91 0.30 28.06 24.62
CA GLU A 91 -0.58 28.75 25.57
C GLU A 91 -0.65 28.02 26.91
N GLN A 92 -0.67 26.67 26.87
CA GLN A 92 -0.71 25.80 28.06
C GLN A 92 0.59 25.86 28.86
N GLY A 93 1.73 25.81 28.17
CA GLY A 93 3.04 25.88 28.80
C GLY A 93 3.25 27.14 29.61
N GLU A 94 2.82 28.29 29.06
CA GLU A 94 2.94 29.62 29.66
C GLU A 94 2.24 29.79 31.01
N GLY A 95 1.07 29.17 31.16
CA GLY A 95 0.27 29.19 32.38
C GLY A 95 0.97 28.49 33.53
N VAL A 96 1.61 27.35 33.24
CA VAL A 96 2.36 26.55 34.22
C VAL A 96 3.67 27.26 34.61
N ILE A 97 4.36 27.85 33.62
CA ILE A 97 5.62 28.58 33.83
C ILE A 97 5.39 29.82 34.72
N ALA A 98 4.22 30.48 34.56
CA ALA A 98 3.80 31.64 35.34
C ALA A 98 3.66 31.32 36.84
N LEU A 99 3.50 30.02 37.21
CA LEU A 99 3.43 29.60 38.61
C LEU A 99 4.76 29.81 39.32
N LYS A 100 5.87 29.92 38.53
CA LYS A 100 7.25 30.12 38.97
C LYS A 100 7.69 29.04 39.96
N VAL A 101 7.37 27.79 39.64
CA VAL A 101 7.75 26.70 40.52
C VAL A 101 9.26 26.43 40.34
N PRO A 102 10.06 26.47 41.42
CA PRO A 102 11.50 26.14 41.28
C PRO A 102 11.74 24.79 40.60
N GLY A 103 12.68 24.76 39.66
CA GLY A 103 13.08 23.54 38.97
C GLY A 103 12.22 23.08 37.82
N VAL A 104 11.23 23.91 37.39
CA VAL A 104 10.30 23.59 36.30
C VAL A 104 10.66 24.47 35.11
N TYR A 105 10.87 23.82 33.94
CA TYR A 105 11.29 24.52 32.72
C TYR A 105 10.49 24.09 31.51
N SER A 106 10.37 24.97 30.52
CA SER A 106 9.65 24.69 29.27
C SER A 106 10.66 24.51 28.13
N ILE A 107 10.41 23.51 27.26
CA ILE A 107 11.24 23.15 26.09
C ILE A 107 10.36 23.18 24.82
N GLU A 108 10.84 23.83 23.75
CA GLU A 108 10.10 23.88 22.49
C GLU A 108 10.38 22.58 21.74
N GLU A 109 9.33 21.79 21.50
CA GLU A 109 9.40 20.50 20.81
C GLU A 109 8.49 20.57 19.58
N PHE A 110 8.55 19.56 18.72
CA PHE A 110 7.69 19.45 17.54
C PHE A 110 6.91 18.18 17.62
N ARG A 111 5.60 18.24 17.32
CA ARG A 111 4.76 17.06 17.33
C ARG A 111 4.09 16.95 15.98
N ARG A 112 4.03 15.72 15.43
CA ARG A 112 3.40 15.47 14.14
C ARG A 112 1.91 15.41 14.24
N PHE A 113 1.23 16.05 13.25
CA PHE A 113 -0.20 15.99 13.04
C PHE A 113 -0.42 15.53 11.60
N TYR A 114 -1.47 14.73 11.40
CA TYR A 114 -1.71 14.08 10.12
C TYR A 114 -3.03 14.57 9.56
N PRO A 115 -3.05 15.64 8.76
CA PRO A 115 -4.35 16.22 8.36
C PRO A 115 -5.36 15.31 7.65
N ALA A 116 -4.90 14.39 6.82
CA ALA A 116 -5.80 13.47 6.12
C ALA A 116 -6.18 12.26 6.97
N GLY A 117 -5.50 12.12 8.11
CA GLY A 117 -5.80 11.08 9.10
C GLY A 117 -5.91 9.67 8.57
N GLU A 118 -7.06 9.03 8.84
CA GLU A 118 -7.28 7.63 8.45
C GLU A 118 -7.23 7.35 6.94
N VAL A 119 -7.49 8.39 6.10
CA VAL A 119 -7.55 8.22 4.64
C VAL A 119 -6.23 7.72 4.07
N VAL A 120 -5.09 8.12 4.69
CA VAL A 120 -3.78 7.71 4.15
C VAL A 120 -2.88 7.20 5.29
N ALA A 121 -3.51 6.58 6.29
CA ALA A 121 -2.82 6.13 7.51
C ALA A 121 -1.65 5.20 7.25
N HIS A 122 -1.88 4.12 6.51
CA HIS A 122 -0.80 3.13 6.30
C HIS A 122 0.33 3.63 5.41
N ALA A 123 0.00 4.44 4.38
CA ALA A 123 1.06 4.92 3.48
C ALA A 123 1.98 5.87 4.23
N VAL A 124 1.38 6.83 4.93
CA VAL A 124 2.16 7.86 5.63
C VAL A 124 2.87 7.32 6.88
N GLY A 125 2.13 6.54 7.67
CA GLY A 125 2.64 6.00 8.93
C GLY A 125 2.66 7.08 9.99
N PHE A 126 3.57 6.95 10.95
CA PHE A 126 3.61 7.91 12.05
C PHE A 126 4.94 7.89 12.76
N THR A 127 5.14 8.89 13.64
CA THR A 127 6.33 9.00 14.46
C THR A 127 5.97 8.54 15.88
N ASP A 128 7.00 8.17 16.64
CA ASP A 128 6.82 7.75 18.03
C ASP A 128 6.89 8.99 18.95
N VAL A 129 6.85 8.78 20.29
CA VAL A 129 6.92 9.88 21.27
C VAL A 129 8.13 10.82 21.11
N ASP A 130 9.26 10.30 20.60
CA ASP A 130 10.50 11.06 20.40
C ASP A 130 10.63 11.68 18.98
N ASP A 131 9.54 11.64 18.21
CA ASP A 131 9.45 12.19 16.84
C ASP A 131 10.26 11.36 15.82
N ARG A 132 10.52 10.07 16.13
CA ARG A 132 11.22 9.15 15.21
C ARG A 132 10.19 8.39 14.38
N GLY A 133 10.44 8.25 13.07
CA GLY A 133 9.56 7.50 12.18
C GLY A 133 9.40 6.09 12.70
N ARG A 134 8.14 5.63 12.86
CA ARG A 134 7.77 4.32 13.42
C ARG A 134 7.12 3.38 12.38
N GLU A 135 6.32 3.94 11.47
CA GLU A 135 5.62 3.17 10.44
C GLU A 135 5.62 3.95 9.14
N GLY A 136 5.33 3.25 8.04
CA GLY A 136 5.16 3.88 6.73
C GLY A 136 6.30 4.72 6.24
N ILE A 137 5.95 5.75 5.46
CA ILE A 137 6.91 6.70 4.91
C ILE A 137 7.69 7.38 6.02
N GLU A 138 7.03 7.67 7.17
CA GLU A 138 7.74 8.33 8.29
C GLU A 138 8.99 7.56 8.65
N LEU A 139 8.88 6.23 8.63
CA LEU A 139 10.03 5.37 8.92
C LEU A 139 10.92 5.18 7.69
N ALA A 140 10.34 4.84 6.54
CA ALA A 140 11.15 4.62 5.32
C ALA A 140 12.06 5.80 4.96
N PHE A 141 11.55 7.03 5.12
CA PHE A 141 12.29 8.23 4.76
C PHE A 141 12.74 9.03 5.97
N ASP A 142 12.85 8.34 7.12
CA ASP A 142 13.23 8.96 8.38
C ASP A 142 14.50 9.81 8.27
N GLU A 143 15.55 9.32 7.60
CA GLU A 143 16.81 10.09 7.46
C GLU A 143 16.61 11.41 6.72
N TRP A 144 15.80 11.41 5.66
CA TRP A 144 15.49 12.58 4.86
C TRP A 144 14.64 13.56 5.70
N LEU A 145 13.60 13.03 6.35
CA LEU A 145 12.65 13.84 7.14
C LEU A 145 13.15 14.42 8.45
N ALA A 146 13.94 13.64 9.20
CA ALA A 146 14.35 14.02 10.55
C ALA A 146 15.24 15.25 10.71
N GLY A 147 16.18 15.48 9.83
CA GLY A 147 17.10 16.60 10.05
C GLY A 147 18.03 16.31 11.21
N VAL A 148 18.78 17.33 11.72
CA VAL A 148 19.73 17.08 12.82
C VAL A 148 19.48 17.90 14.10
N PRO A 149 19.29 17.24 15.26
CA PRO A 149 19.04 18.02 16.48
C PRO A 149 20.25 18.82 16.96
N GLY A 150 19.98 19.92 17.63
CA GLY A 150 21.02 20.77 18.21
C GLY A 150 21.35 20.29 19.60
N LYS A 151 22.23 21.01 20.33
CA LYS A 151 22.59 20.65 21.70
C LYS A 151 22.77 21.87 22.60
N ARG A 152 22.18 21.81 23.81
CA ARG A 152 22.29 22.85 24.82
C ARG A 152 23.03 22.28 26.03
N GLN A 153 24.18 22.86 26.35
CA GLN A 153 25.02 22.46 27.47
C GLN A 153 24.45 23.10 28.75
N VAL A 154 24.10 22.29 29.74
CA VAL A 154 23.55 22.78 31.00
C VAL A 154 24.58 22.46 32.11
N LEU A 155 25.22 23.49 32.69
CA LEU A 155 26.17 23.28 33.77
C LEU A 155 25.58 23.77 35.09
N LYS A 156 25.58 22.90 36.12
CA LYS A 156 24.98 23.20 37.42
C LYS A 156 26.00 23.24 38.54
N ASP A 157 25.56 23.67 39.75
CA ASP A 157 26.40 23.70 40.96
C ASP A 157 26.71 22.25 41.36
N ARG A 158 27.68 22.02 42.28
CA ARG A 158 28.05 20.67 42.69
C ARG A 158 26.99 19.90 43.51
N VAL A 166 23.48 27.89 30.83
CA VAL A 166 23.07 27.22 29.60
C VAL A 166 23.79 27.80 28.39
N GLN A 167 24.20 26.93 27.46
CA GLN A 167 24.89 27.30 26.23
C GLN A 167 24.34 26.50 25.06
N VAL A 168 24.32 27.10 23.87
CA VAL A 168 23.93 26.43 22.63
C VAL A 168 25.23 25.95 21.96
N THR A 169 25.39 24.63 21.84
CA THR A 169 26.55 24.03 21.18
C THR A 169 25.97 23.18 20.04
N LYS A 170 26.13 23.64 18.77
CA LYS A 170 25.61 23.01 17.56
C LYS A 170 24.13 23.36 17.41
N ASN A 171 23.83 24.09 16.33
CA ASN A 171 22.49 24.54 15.95
C ASN A 171 21.68 23.36 15.41
N ALA A 172 20.34 23.46 15.47
CA ALA A 172 19.46 22.41 14.91
C ALA A 172 19.29 22.68 13.42
N LYS A 173 19.30 21.61 12.58
CA LYS A 173 19.10 21.76 11.13
C LYS A 173 17.75 21.13 10.78
N PRO A 174 16.83 21.83 10.08
CA PRO A 174 15.52 21.21 9.80
C PRO A 174 15.59 20.06 8.82
N GLY A 175 14.61 19.19 8.93
CA GLY A 175 14.44 18.05 8.02
C GLY A 175 13.99 18.52 6.65
N LYS A 176 13.90 17.61 5.67
CA LYS A 176 13.56 18.00 4.30
C LYS A 176 12.12 17.64 3.92
N THR A 177 11.44 18.51 3.14
CA THR A 177 10.07 18.24 2.66
C THR A 177 10.10 17.04 1.73
N LEU A 178 9.02 16.25 1.74
CA LEU A 178 8.94 15.08 0.85
C LEU A 178 7.55 15.09 0.24
N ALA A 179 7.46 15.02 -1.11
CA ALA A 179 6.18 14.92 -1.78
C ALA A 179 6.00 13.46 -2.15
N LEU A 180 4.91 12.86 -1.70
CA LEU A 180 4.68 11.44 -2.03
C LEU A 180 4.15 11.30 -3.46
N SER A 181 4.12 10.08 -3.96
CA SER A 181 3.53 9.76 -5.29
C SER A 181 1.99 9.79 -5.15
N ILE A 182 1.46 9.56 -3.92
CA ILE A 182 0.01 9.53 -3.67
C ILE A 182 -0.65 10.81 -4.10
N ASP A 183 -1.79 10.67 -4.79
CA ASP A 183 -2.64 11.81 -5.16
C ASP A 183 -3.80 11.74 -4.17
N LEU A 184 -3.82 12.66 -3.18
CA LEU A 184 -4.86 12.63 -2.13
C LEU A 184 -6.29 12.55 -2.69
N ARG A 185 -6.54 13.16 -3.87
CA ARG A 185 -7.86 13.13 -4.49
C ARG A 185 -8.23 11.67 -4.85
N LEU A 186 -7.26 10.93 -5.46
CA LEU A 186 -7.47 9.53 -5.83
C LEU A 186 -7.50 8.67 -4.58
N GLN A 187 -6.65 8.99 -3.58
CA GLN A 187 -6.61 8.25 -2.33
C GLN A 187 -7.97 8.33 -1.62
N TYR A 188 -8.57 9.53 -1.59
CA TYR A 188 -9.87 9.70 -0.95
C TYR A 188 -10.96 8.93 -1.68
N LEU A 189 -10.99 9.00 -3.04
CA LEU A 189 -11.94 8.27 -3.89
C LEU A 189 -11.82 6.75 -3.63
N ALA A 190 -10.60 6.22 -3.64
CA ALA A 190 -10.35 4.80 -3.37
C ALA A 190 -10.80 4.40 -1.97
N HIS A 191 -10.43 5.19 -0.96
CA HIS A 191 -10.77 4.94 0.44
C HIS A 191 -12.29 4.84 0.57
N ARG A 192 -13.02 5.84 0.00
CA ARG A 192 -14.49 5.87 0.05
C ARG A 192 -15.13 4.71 -0.65
N GLU A 193 -14.69 4.40 -1.87
CA GLU A 193 -15.27 3.30 -2.63
C GLU A 193 -14.96 1.92 -2.03
N LEU A 194 -13.76 1.71 -1.48
CA LEU A 194 -13.40 0.42 -0.88
C LEU A 194 -14.25 0.16 0.37
N ARG A 195 -14.39 1.18 1.21
CA ARG A 195 -15.23 1.11 2.41
C ARG A 195 -16.71 0.86 2.01
N ASN A 196 -17.23 1.50 0.92
CA ASN A 196 -18.61 1.28 0.43
C ASN A 196 -18.83 -0.20 0.05
N ALA A 197 -17.90 -0.73 -0.75
CA ALA A 197 -17.86 -2.11 -1.24
C ALA A 197 -17.75 -3.12 -0.09
N LEU A 198 -17.00 -2.78 0.96
CA LEU A 198 -16.84 -3.68 2.11
C LEU A 198 -18.14 -3.80 2.89
N LEU A 199 -18.83 -2.67 3.10
CA LEU A 199 -20.13 -2.60 3.78
C LEU A 199 -21.20 -3.33 3.01
N GLU A 200 -21.28 -3.09 1.68
CA GLU A 200 -22.23 -3.69 0.75
C GLU A 200 -22.17 -5.23 0.77
N ASN A 201 -20.94 -5.79 0.83
CA ASN A 201 -20.70 -7.23 0.78
C ASN A 201 -20.46 -7.92 2.12
N GLY A 202 -20.56 -7.17 3.21
CA GLY A 202 -20.36 -7.71 4.56
C GLY A 202 -18.94 -8.15 4.84
N ALA A 203 -17.96 -7.59 4.08
CA ALA A 203 -16.54 -7.89 4.24
C ALA A 203 -15.94 -6.94 5.27
N LYS A 204 -14.93 -7.40 5.96
CA LYS A 204 -14.26 -6.65 7.01
C LYS A 204 -12.89 -6.07 6.60
N ALA A 205 -12.26 -6.62 5.55
CA ALA A 205 -10.93 -6.14 5.17
C ALA A 205 -10.70 -6.13 3.67
N GLY A 206 -9.79 -5.29 3.20
CA GLY A 206 -9.48 -5.24 1.76
C GLY A 206 -8.43 -4.20 1.46
N SER A 207 -8.01 -4.14 0.19
CA SER A 207 -7.02 -3.16 -0.26
C SER A 207 -7.37 -2.65 -1.64
N LEU A 208 -6.83 -1.48 -1.96
CA LEU A 208 -6.99 -0.97 -3.30
C LEU A 208 -5.74 -0.18 -3.62
N VAL A 209 -5.07 -0.56 -4.72
CA VAL A 209 -3.82 0.08 -5.18
C VAL A 209 -4.09 0.68 -6.56
N ILE A 210 -3.60 1.92 -6.79
CA ILE A 210 -3.69 2.58 -8.10
C ILE A 210 -2.29 2.99 -8.46
N MET A 211 -1.84 2.61 -9.65
CA MET A 211 -0.48 2.98 -10.09
C MET A 211 -0.50 3.73 -11.40
N ASP A 212 0.46 4.64 -11.59
CA ASP A 212 0.60 5.33 -12.89
C ASP A 212 1.48 4.34 -13.67
N VAL A 213 0.95 3.80 -14.78
CA VAL A 213 1.70 2.77 -15.51
C VAL A 213 2.99 3.29 -16.16
N LYS A 214 3.01 4.58 -16.48
CA LYS A 214 4.16 5.17 -17.16
C LYS A 214 5.27 5.52 -16.22
N THR A 215 4.98 5.88 -14.96
CA THR A 215 6.01 6.43 -14.06
C THR A 215 6.38 5.53 -12.90
N GLY A 216 5.57 4.49 -12.64
CA GLY A 216 5.78 3.57 -11.51
C GLY A 216 5.24 4.14 -10.21
N GLU A 217 4.62 5.33 -10.26
CA GLU A 217 4.10 5.98 -9.05
C GLU A 217 2.89 5.27 -8.45
N ILE A 218 2.89 5.12 -7.13
CA ILE A 218 1.74 4.58 -6.42
C ILE A 218 0.82 5.78 -6.16
N LEU A 219 -0.22 5.91 -6.96
CA LEU A 219 -1.13 7.06 -6.85
C LEU A 219 -2.10 6.94 -5.69
N ALA A 220 -2.41 5.72 -5.27
CA ALA A 220 -3.27 5.48 -4.13
C ALA A 220 -2.96 4.12 -3.59
N MET A 221 -3.01 4.01 -2.26
CA MET A 221 -2.81 2.71 -1.58
C MET A 221 -3.65 2.79 -0.33
N THR A 222 -4.82 2.17 -0.33
CA THR A 222 -5.73 2.25 0.84
C THR A 222 -6.02 0.83 1.31
N ASN A 223 -6.11 0.69 2.61
CA ASN A 223 -6.43 -0.59 3.26
C ASN A 223 -7.60 -0.34 4.18
N GLN A 224 -8.37 -1.39 4.39
CA GLN A 224 -9.46 -1.39 5.35
C GLN A 224 -9.27 -2.67 6.14
N PRO A 225 -9.43 -2.62 7.49
CA PRO A 225 -9.72 -1.40 8.26
C PRO A 225 -8.53 -0.44 8.32
N THR A 226 -8.84 0.80 8.72
CA THR A 226 -7.83 1.84 8.87
C THR A 226 -7.92 2.46 10.29
N TYR A 227 -7.08 3.45 10.55
CA TYR A 227 -6.97 4.07 11.88
C TYR A 227 -6.63 5.53 11.78
N ASN A 228 -6.90 6.29 12.83
CA ASN A 228 -6.54 7.70 12.88
C ASN A 228 -5.16 7.81 13.51
N PRO A 229 -4.12 8.14 12.74
CA PRO A 229 -2.77 8.23 13.32
C PRO A 229 -2.60 9.36 14.36
N ASN A 230 -3.59 10.26 14.42
CA ASN A 230 -3.56 11.36 15.39
C ASN A 230 -3.98 10.91 16.79
N ASN A 231 -4.60 9.73 16.89
CA ASN A 231 -5.03 9.24 18.20
C ASN A 231 -4.88 7.73 18.20
N ARG A 232 -3.70 7.27 18.61
CA ARG A 232 -3.38 5.84 18.61
C ARG A 232 -3.60 5.06 19.91
N ARG A 233 -4.28 5.66 20.90
CA ARG A 233 -4.59 4.91 22.11
C ARG A 233 -5.85 4.08 21.85
N ASN A 234 -5.89 2.83 22.36
CA ASN A 234 -6.96 1.82 22.18
C ASN A 234 -6.55 0.91 21.02
N LEU A 235 -6.62 1.44 19.78
CA LEU A 235 -6.33 0.84 18.46
C LEU A 235 -6.10 -0.67 18.34
N GLN A 236 -6.99 -1.34 17.57
CA GLN A 236 -6.87 -2.77 17.29
C GLN A 236 -5.70 -3.01 16.32
N PRO A 237 -4.87 -4.06 16.51
CA PRO A 237 -3.71 -4.26 15.61
C PRO A 237 -4.08 -4.67 14.17
N ALA A 238 -5.34 -5.06 13.92
CA ALA A 238 -5.83 -5.42 12.59
C ALA A 238 -5.95 -4.16 11.72
N ALA A 239 -6.28 -3.02 12.36
CA ALA A 239 -6.40 -1.73 11.68
C ALA A 239 -5.03 -1.21 11.27
N MET A 240 -3.94 -1.66 11.95
CA MET A 240 -2.57 -1.23 11.71
C MET A 240 -1.95 -1.92 10.49
N ARG A 241 -2.51 -3.06 10.07
CA ARG A 241 -1.99 -3.89 9.00
C ARG A 241 -2.01 -3.19 7.66
N ASN A 242 -0.83 -2.99 7.07
CA ASN A 242 -0.75 -2.39 5.74
C ASN A 242 -0.97 -3.53 4.71
N ARG A 243 -2.23 -3.99 4.57
CA ARG A 243 -2.60 -5.15 3.74
C ARG A 243 -2.05 -5.18 2.32
N ALA A 244 -2.08 -4.05 1.63
CA ALA A 244 -1.59 -3.98 0.25
C ALA A 244 -0.15 -4.45 0.10
N MET A 245 0.67 -4.23 1.14
CA MET A 245 2.06 -4.60 1.12
C MET A 245 2.40 -5.83 1.94
N ILE A 246 1.52 -6.24 2.88
CA ILE A 246 1.87 -7.35 3.77
C ILE A 246 1.03 -8.63 3.59
N ASP A 247 -0.20 -8.52 3.07
CA ASP A 247 -1.06 -9.68 2.91
C ASP A 247 -0.61 -10.43 1.68
N VAL A 248 -0.12 -11.65 1.88
CA VAL A 248 0.37 -12.44 0.75
C VAL A 248 -0.66 -13.51 0.39
N PHE A 249 -0.92 -13.71 -0.92
CA PHE A 249 -1.93 -14.68 -1.32
C PHE A 249 -1.58 -15.26 -2.67
N GLU A 250 -2.20 -16.41 -3.00
CA GLU A 250 -2.07 -17.02 -4.32
C GLU A 250 -3.04 -16.24 -5.19
N PRO A 251 -2.54 -15.62 -6.29
CA PRO A 251 -3.38 -14.68 -7.05
C PRO A 251 -4.42 -15.27 -7.98
N GLY A 252 -4.36 -16.59 -8.17
CA GLY A 252 -5.30 -17.28 -9.02
C GLY A 252 -5.38 -16.75 -10.43
N SER A 253 -6.63 -16.59 -10.94
CA SER A 253 -6.90 -16.23 -12.33
C SER A 253 -6.30 -14.94 -12.78
N THR A 254 -5.98 -14.03 -11.83
CA THR A 254 -5.41 -12.71 -12.19
C THR A 254 -4.02 -12.83 -12.82
N VAL A 255 -3.34 -14.01 -12.71
CA VAL A 255 -2.04 -14.14 -13.36
C VAL A 255 -2.13 -14.85 -14.71
N LYS A 256 -3.33 -15.32 -15.10
CA LYS A 256 -3.46 -15.94 -16.44
C LYS A 256 -2.95 -15.03 -17.57
N PRO A 257 -3.07 -13.67 -17.54
CA PRO A 257 -2.54 -12.85 -18.64
C PRO A 257 -1.01 -12.98 -18.78
N PHE A 258 -0.32 -13.36 -17.68
CA PHE A 258 1.13 -13.56 -17.72
C PHE A 258 1.45 -14.92 -18.33
N SER A 259 0.63 -15.93 -18.01
CA SER A 259 0.73 -17.24 -18.67
C SER A 259 0.49 -17.05 -20.18
N MET A 260 -0.52 -16.22 -20.57
CA MET A 260 -0.81 -15.98 -21.98
C MET A 260 0.36 -15.19 -22.62
N SER A 261 0.96 -14.23 -21.89
CA SER A 261 2.13 -13.51 -22.43
C SER A 261 3.26 -14.51 -22.77
N ALA A 262 3.52 -15.48 -21.90
CA ALA A 262 4.53 -16.52 -22.18
C ALA A 262 4.13 -17.33 -23.44
N ALA A 263 2.83 -17.65 -23.56
CA ALA A 263 2.35 -18.41 -24.73
C ALA A 263 2.56 -17.64 -26.03
N LEU A 264 2.20 -16.35 -26.04
CA LEU A 264 2.33 -15.55 -27.28
C LEU A 264 3.80 -15.29 -27.61
N ALA A 265 4.67 -15.27 -26.58
CA ALA A 265 6.11 -15.06 -26.78
C ALA A 265 6.86 -16.34 -27.20
N SER A 266 6.25 -17.50 -27.01
CA SER A 266 6.85 -18.78 -27.34
C SER A 266 7.00 -18.99 -28.85
N GLY A 267 6.19 -18.29 -29.62
CA GLY A 267 6.14 -18.40 -31.08
C GLY A 267 5.19 -19.48 -31.55
N ARG A 268 4.51 -20.16 -30.59
CA ARG A 268 3.64 -21.32 -30.87
C ARG A 268 2.15 -21.03 -30.81
N TRP A 269 1.79 -19.81 -30.39
CA TRP A 269 0.41 -19.45 -30.18
C TRP A 269 0.05 -18.11 -30.70
N LYS A 270 -1.05 -18.03 -31.49
CA LYS A 270 -1.61 -16.74 -31.90
C LYS A 270 -2.93 -16.57 -31.12
N PRO A 271 -3.48 -15.34 -30.93
CA PRO A 271 -4.75 -15.23 -30.17
C PRO A 271 -5.92 -16.01 -30.76
N SER A 272 -5.93 -16.18 -32.09
CA SER A 272 -7.01 -16.91 -32.79
C SER A 272 -6.88 -18.42 -32.73
N ASP A 273 -5.74 -18.94 -32.20
CA ASP A 273 -5.55 -20.37 -32.06
C ASP A 273 -6.60 -20.91 -31.09
N ILE A 274 -6.96 -22.18 -31.24
CA ILE A 274 -8.00 -22.83 -30.46
C ILE A 274 -7.46 -23.94 -29.56
N VAL A 275 -8.13 -24.12 -28.40
CA VAL A 275 -7.86 -25.20 -27.46
C VAL A 275 -9.21 -25.84 -27.16
N ASP A 276 -9.27 -27.17 -27.18
CA ASP A 276 -10.54 -27.84 -26.88
C ASP A 276 -10.50 -28.13 -25.34
N VAL A 277 -11.39 -27.51 -24.57
CA VAL A 277 -11.43 -27.65 -23.10
C VAL A 277 -12.55 -28.55 -22.63
N TYR A 278 -13.33 -29.12 -23.56
CA TYR A 278 -14.44 -30.01 -23.17
C TYR A 278 -13.94 -31.23 -22.40
N PRO A 279 -14.64 -31.70 -21.34
CA PRO A 279 -15.89 -31.19 -20.77
C PRO A 279 -15.66 -30.25 -19.58
N GLY A 280 -14.59 -29.46 -19.61
CA GLY A 280 -14.29 -28.54 -18.50
C GLY A 280 -13.48 -29.17 -17.39
N THR A 281 -12.95 -30.36 -17.66
CA THR A 281 -12.06 -31.09 -16.74
C THR A 281 -10.92 -31.67 -17.59
N LEU A 282 -9.79 -31.92 -16.94
CA LEU A 282 -8.64 -32.52 -17.59
C LEU A 282 -7.93 -33.40 -16.59
N GLN A 283 -7.85 -34.70 -16.89
CA GLN A 283 -7.15 -35.64 -16.00
C GLN A 283 -5.68 -35.65 -16.34
N ILE A 284 -4.83 -35.46 -15.32
CA ILE A 284 -3.39 -35.50 -15.46
C ILE A 284 -2.89 -36.47 -14.38
N GLY A 285 -2.77 -37.73 -14.76
CA GLY A 285 -2.40 -38.78 -13.82
C GLY A 285 -3.49 -38.94 -12.79
N ARG A 286 -3.13 -38.73 -11.51
CA ARG A 286 -4.01 -38.85 -10.34
C ARG A 286 -4.86 -37.58 -10.11
N TYR A 287 -4.44 -36.44 -10.71
CA TYR A 287 -5.13 -35.16 -10.48
C TYR A 287 -6.11 -34.79 -11.58
N THR A 288 -7.15 -34.02 -11.22
CA THR A 288 -8.16 -33.51 -12.15
C THR A 288 -8.21 -32.01 -12.08
N ILE A 289 -7.80 -31.36 -13.19
CA ILE A 289 -7.88 -29.90 -13.31
C ILE A 289 -9.36 -29.65 -13.67
N ARG A 290 -10.01 -28.70 -13.00
CA ARG A 290 -11.41 -28.42 -13.25
C ARG A 290 -11.67 -26.94 -13.49
N ASP A 291 -12.52 -26.63 -14.47
CA ASP A 291 -12.99 -25.28 -14.74
C ASP A 291 -14.20 -25.04 -13.87
N VAL A 292 -14.36 -23.79 -13.41
CA VAL A 292 -15.51 -23.42 -12.60
C VAL A 292 -16.73 -23.36 -13.50
N SER A 293 -16.60 -22.71 -14.67
CA SER A 293 -17.60 -22.57 -15.73
C SER A 293 -17.33 -23.70 -16.76
N ARG A 294 -18.26 -24.66 -16.93
CA ARG A 294 -18.01 -25.80 -17.82
C ARG A 294 -19.02 -25.86 -18.95
N ASN A 295 -19.05 -24.82 -19.79
CA ASN A 295 -19.97 -24.69 -20.90
C ASN A 295 -19.24 -24.60 -22.25
N SER A 296 -18.00 -25.07 -22.32
CA SER A 296 -17.24 -24.85 -23.56
C SER A 296 -16.62 -26.09 -24.17
N ARG A 297 -16.31 -25.98 -25.47
CA ARG A 297 -15.52 -27.00 -26.16
C ARG A 297 -14.34 -26.25 -26.75
N GLN A 298 -14.44 -25.69 -27.97
CA GLN A 298 -13.31 -24.94 -28.51
C GLN A 298 -13.35 -23.51 -28.00
N LEU A 299 -12.18 -23.03 -27.53
CA LEU A 299 -12.04 -21.64 -27.11
C LEU A 299 -10.81 -21.10 -27.76
N ASP A 300 -10.87 -19.87 -28.27
CA ASP A 300 -9.65 -19.22 -28.71
C ASP A 300 -8.96 -18.65 -27.47
N LEU A 301 -7.76 -18.08 -27.64
CA LEU A 301 -7.00 -17.61 -26.47
C LEU A 301 -7.71 -16.53 -25.69
N THR A 302 -8.46 -15.64 -26.37
CA THR A 302 -9.25 -14.66 -25.67
C THR A 302 -10.39 -15.33 -24.90
N GLY A 303 -11.01 -16.34 -25.52
CA GLY A 303 -12.07 -17.09 -24.87
C GLY A 303 -11.63 -17.80 -23.60
N ILE A 304 -10.38 -18.32 -23.59
CA ILE A 304 -9.79 -18.95 -22.40
C ILE A 304 -9.80 -17.93 -21.26
N LEU A 305 -9.49 -16.67 -21.55
CA LEU A 305 -9.49 -15.65 -20.50
C LEU A 305 -10.92 -15.22 -20.12
N ILE A 306 -11.82 -15.07 -21.11
CA ILE A 306 -13.20 -14.65 -20.83
C ILE A 306 -13.89 -15.70 -19.96
N LYS A 307 -13.73 -16.97 -20.34
CA LYS A 307 -14.33 -18.10 -19.61
C LYS A 307 -13.52 -18.55 -18.40
N SER A 308 -12.34 -17.93 -18.20
CA SER A 308 -11.35 -18.28 -17.17
C SER A 308 -11.20 -19.80 -17.05
N SER A 309 -10.83 -20.42 -18.17
CA SER A 309 -10.71 -21.84 -18.23
C SER A 309 -9.32 -22.27 -17.74
N ASN A 310 -9.30 -23.00 -16.61
CA ASN A 310 -8.09 -23.60 -16.07
C ASN A 310 -7.59 -24.68 -17.02
N VAL A 311 -8.53 -25.43 -17.62
CA VAL A 311 -8.17 -26.49 -18.58
C VAL A 311 -7.42 -25.87 -19.78
N GLY A 312 -7.96 -24.80 -20.34
CA GLY A 312 -7.34 -24.16 -21.50
C GLY A 312 -5.96 -23.62 -21.20
N ILE A 313 -5.82 -22.91 -20.07
CA ILE A 313 -4.51 -22.36 -19.73
C ILE A 313 -3.50 -23.46 -19.42
N SER A 314 -3.96 -24.56 -18.84
CA SER A 314 -3.08 -25.67 -18.47
C SER A 314 -2.56 -26.35 -19.74
N LYS A 315 -3.44 -26.57 -20.75
CA LYS A 315 -3.02 -27.21 -21.99
C LYS A 315 -1.97 -26.36 -22.69
N ILE A 316 -2.16 -25.03 -22.69
CA ILE A 316 -1.17 -24.14 -23.29
C ILE A 316 0.13 -24.26 -22.51
N ALA A 317 0.03 -24.24 -21.18
CA ALA A 317 1.21 -24.34 -20.30
C ALA A 317 2.00 -25.63 -20.57
N PHE A 318 1.29 -26.77 -20.84
CA PHE A 318 2.01 -28.02 -21.14
C PHE A 318 2.78 -27.89 -22.45
N ASP A 319 2.17 -27.21 -23.43
CA ASP A 319 2.77 -27.01 -24.74
C ASP A 319 4.03 -26.12 -24.70
N ILE A 320 4.01 -25.05 -23.89
CA ILE A 320 5.11 -24.11 -23.86
C ILE A 320 6.15 -24.38 -22.77
N GLY A 321 5.76 -25.13 -21.74
CA GLY A 321 6.63 -25.40 -20.60
C GLY A 321 6.50 -24.34 -19.51
N ALA A 322 6.53 -24.80 -18.23
CA ALA A 322 6.45 -23.89 -17.08
C ALA A 322 7.59 -22.89 -16.97
N GLU A 323 8.81 -23.25 -17.49
CA GLU A 323 9.94 -22.30 -17.37
C GLU A 323 9.62 -20.94 -18.00
N SER A 324 8.94 -20.95 -19.18
CA SER A 324 8.59 -19.72 -19.87
C SER A 324 7.61 -18.86 -19.07
N ILE A 325 6.66 -19.51 -18.37
CA ILE A 325 5.66 -18.84 -17.52
C ILE A 325 6.34 -18.29 -16.28
N TYR A 326 7.16 -19.11 -15.63
CA TYR A 326 7.93 -18.68 -14.48
C TYR A 326 8.72 -17.44 -14.81
N SER A 327 9.42 -17.44 -15.97
CA SER A 327 10.26 -16.33 -16.37
C SER A 327 9.46 -15.04 -16.51
N VAL A 328 8.28 -15.09 -17.16
CA VAL A 328 7.47 -13.90 -17.33
C VAL A 328 7.03 -13.37 -15.97
N MET A 329 6.52 -14.27 -15.11
CA MET A 329 6.08 -13.85 -13.78
C MET A 329 7.21 -13.23 -12.96
N GLN A 330 8.40 -13.82 -13.04
CA GLN A 330 9.55 -13.30 -12.30
C GLN A 330 9.93 -11.93 -12.85
N GLN A 331 9.92 -11.77 -14.19
CA GLN A 331 10.33 -10.49 -14.80
C GLN A 331 9.37 -9.38 -14.51
N VAL A 332 8.06 -9.70 -14.35
CA VAL A 332 7.08 -8.66 -14.01
C VAL A 332 7.04 -8.37 -12.52
N GLY A 333 7.82 -9.13 -11.75
CA GLY A 333 8.01 -8.90 -10.31
C GLY A 333 7.13 -9.66 -9.33
N LEU A 334 6.41 -10.67 -9.80
CA LEU A 334 5.54 -11.46 -8.92
C LEU A 334 6.37 -12.34 -8.02
N GLY A 335 6.17 -12.18 -6.70
CA GLY A 335 7.00 -12.88 -5.71
C GLY A 335 8.43 -12.36 -5.62
N GLN A 336 8.70 -11.15 -6.12
CA GLN A 336 10.05 -10.54 -6.15
C GLN A 336 10.11 -9.27 -5.26
N ASP A 337 11.31 -8.87 -4.82
CA ASP A 337 11.43 -7.62 -4.04
C ASP A 337 10.97 -6.35 -4.86
N THR A 338 10.26 -5.37 -4.24
CA THR A 338 9.77 -4.19 -4.99
C THR A 338 10.82 -3.12 -5.11
N GLY A 339 11.76 -3.13 -4.17
CA GLY A 339 12.84 -2.16 -4.05
C GLY A 339 12.40 -0.87 -3.40
N LEU A 340 11.13 -0.83 -2.90
CA LEU A 340 10.60 0.37 -2.24
C LEU A 340 11.30 0.66 -0.92
N GLY A 341 11.70 -0.39 -0.21
CA GLY A 341 12.32 -0.23 1.10
C GLY A 341 11.29 0.24 2.10
N PHE A 342 10.06 -0.25 1.93
CA PHE A 342 8.94 0.15 2.77
C PHE A 342 8.88 -0.77 3.97
N PRO A 343 8.77 -0.21 5.20
CA PRO A 343 8.80 -1.07 6.40
C PRO A 343 7.69 -2.09 6.41
N GLY A 344 8.07 -3.36 6.61
CA GLY A 344 7.16 -4.50 6.68
C GLY A 344 6.72 -5.07 5.35
N GLU A 345 7.14 -4.44 4.23
CA GLU A 345 6.72 -4.96 2.92
C GLU A 345 7.19 -6.40 2.72
N ARG A 346 6.26 -7.25 2.30
CA ARG A 346 6.54 -8.67 2.06
C ARG A 346 6.77 -9.00 0.60
N VAL A 347 7.52 -10.08 0.35
CA VAL A 347 7.96 -10.48 -0.97
C VAL A 347 7.12 -11.62 -1.55
N GLY A 348 6.55 -12.49 -0.71
CA GLY A 348 5.82 -13.63 -1.21
C GLY A 348 6.83 -14.66 -1.73
N ASN A 349 6.37 -15.54 -2.62
CA ASN A 349 7.29 -16.56 -3.13
C ASN A 349 6.83 -17.09 -4.49
N LEU A 350 7.75 -17.09 -5.45
CA LEU A 350 7.53 -17.67 -6.79
C LEU A 350 8.59 -18.76 -6.87
N PRO A 351 8.25 -20.00 -6.51
CA PRO A 351 9.26 -21.08 -6.49
C PRO A 351 9.78 -21.43 -7.86
N ASN A 352 11.13 -21.42 -7.98
CA ASN A 352 11.74 -21.79 -9.25
C ASN A 352 11.99 -23.29 -9.17
N HIS A 353 10.98 -24.10 -9.54
CA HIS A 353 11.13 -25.56 -9.47
C HIS A 353 12.18 -26.14 -10.38
N ARG A 354 12.69 -25.36 -11.37
CA ARG A 354 13.74 -25.71 -12.36
C ARG A 354 13.19 -26.70 -13.40
N LYS A 355 12.54 -27.75 -12.91
CA LYS A 355 11.82 -28.72 -13.74
C LYS A 355 10.44 -28.87 -13.11
N TRP A 356 9.38 -28.63 -13.90
CA TRP A 356 8.03 -28.67 -13.34
C TRP A 356 7.24 -29.84 -13.92
N PRO A 357 6.70 -30.75 -13.06
CA PRO A 357 5.79 -31.79 -13.54
C PRO A 357 4.50 -31.12 -14.01
N LYS A 358 3.60 -31.88 -14.65
CA LYS A 358 2.36 -31.32 -15.17
C LYS A 358 1.50 -30.63 -14.11
N ALA A 359 1.34 -31.28 -12.94
CA ALA A 359 0.49 -30.72 -11.88
C ALA A 359 0.99 -29.34 -11.45
N GLU A 360 2.29 -29.19 -11.20
CA GLU A 360 2.92 -27.93 -10.84
C GLU A 360 2.88 -26.93 -11.99
N THR A 361 2.99 -27.42 -13.26
CA THR A 361 2.93 -26.55 -14.43
C THR A 361 1.55 -25.90 -14.51
N ALA A 362 0.49 -26.72 -14.42
CA ALA A 362 -0.90 -26.24 -14.48
C ALA A 362 -1.20 -25.27 -13.36
N THR A 363 -0.89 -25.66 -12.10
CA THR A 363 -1.19 -24.82 -10.94
C THR A 363 -0.48 -23.47 -11.02
N LEU A 364 0.76 -23.43 -11.53
CA LEU A 364 1.45 -22.15 -11.73
C LEU A 364 0.65 -21.31 -12.76
N ALA A 365 0.26 -21.92 -13.89
CA ALA A 365 -0.38 -21.22 -15.01
C ALA A 365 -1.67 -20.56 -14.65
N TYR A 366 -2.42 -21.15 -13.72
CA TYR A 366 -3.67 -20.56 -13.27
C TYR A 366 -3.57 -19.90 -11.90
N GLY A 367 -2.35 -19.71 -11.43
CA GLY A 367 -2.14 -18.84 -10.28
C GLY A 367 -2.21 -19.36 -8.86
N TYR A 368 -2.16 -20.68 -8.71
CA TYR A 368 -2.10 -21.23 -7.35
C TYR A 368 -0.70 -21.78 -6.98
N GLY A 369 0.27 -21.57 -7.84
CA GLY A 369 1.63 -22.02 -7.55
C GLY A 369 2.60 -20.93 -7.14
N LEU A 370 2.07 -19.77 -6.68
CA LEU A 370 2.93 -18.65 -6.25
C LEU A 370 2.15 -17.84 -5.22
N SER A 371 2.83 -16.99 -4.42
CA SER A 371 2.22 -16.11 -3.42
C SER A 371 2.74 -14.70 -3.72
N VAL A 372 1.82 -13.72 -3.78
CA VAL A 372 2.20 -12.32 -4.11
C VAL A 372 1.45 -11.34 -3.20
N THR A 373 1.77 -10.04 -3.32
CA THR A 373 1.03 -9.00 -2.62
C THR A 373 0.23 -8.22 -3.68
N ALA A 374 -0.73 -7.40 -3.21
CA ALA A 374 -1.55 -6.56 -4.10
C ALA A 374 -0.65 -5.57 -4.82
N ILE A 375 0.36 -5.03 -4.12
CA ILE A 375 1.31 -4.09 -4.73
C ILE A 375 2.03 -4.78 -5.89
N GLN A 376 2.49 -6.03 -5.68
CA GLN A 376 3.16 -6.73 -6.76
C GLN A 376 2.25 -6.97 -7.95
N LEU A 377 0.99 -7.35 -7.69
CA LEU A 377 0.06 -7.63 -8.78
C LEU A 377 -0.20 -6.34 -9.56
N ALA A 378 -0.33 -5.21 -8.85
CA ALA A 378 -0.59 -3.93 -9.54
C ALA A 378 0.63 -3.56 -10.42
N HIS A 379 1.84 -3.76 -9.90
CA HIS A 379 3.06 -3.45 -10.65
C HIS A 379 3.18 -4.34 -11.90
N ALA A 380 2.78 -5.63 -11.78
CA ALA A 380 2.84 -6.54 -12.91
C ALA A 380 1.82 -6.08 -13.98
N TYR A 381 0.61 -5.67 -13.53
CA TYR A 381 -0.38 -5.14 -14.48
C TYR A 381 0.08 -3.81 -15.08
N ALA A 382 0.82 -3.01 -14.30
CA ALA A 382 1.38 -1.75 -14.82
C ALA A 382 2.37 -2.04 -15.95
N ALA A 383 3.26 -3.06 -15.81
CA ALA A 383 4.18 -3.44 -16.88
C ALA A 383 3.42 -3.87 -18.16
N LEU A 384 2.36 -4.66 -18.03
CA LEU A 384 1.57 -5.09 -19.15
C LEU A 384 0.91 -3.88 -19.86
N ALA A 385 0.33 -2.98 -19.07
CA ALA A 385 -0.36 -1.76 -19.54
C ALA A 385 0.62 -0.78 -20.23
N ASN A 386 1.85 -0.72 -19.72
CA ASN A 386 2.89 0.19 -20.23
C ASN A 386 3.65 -0.42 -21.40
N ASP A 387 2.89 -1.11 -22.30
CA ASP A 387 3.41 -1.79 -23.47
C ASP A 387 4.58 -2.75 -23.15
N GLY A 388 4.49 -3.43 -22.01
CA GLY A 388 5.50 -4.41 -21.58
C GLY A 388 6.72 -3.86 -20.88
N LYS A 389 6.76 -2.54 -20.61
CA LYS A 389 7.89 -1.89 -19.93
C LYS A 389 7.61 -1.72 -18.43
N SER A 390 8.43 -2.38 -17.59
CA SER A 390 8.29 -2.27 -16.14
C SER A 390 9.12 -1.08 -15.65
N VAL A 391 8.48 -0.12 -14.99
CA VAL A 391 9.14 1.05 -14.39
C VAL A 391 9.20 0.77 -12.88
N PRO A 392 10.36 0.98 -12.20
CA PRO A 392 10.42 0.64 -10.76
C PRO A 392 9.35 1.37 -9.94
N LEU A 393 8.81 0.69 -8.91
CA LEU A 393 7.78 1.26 -8.05
C LEU A 393 8.30 2.48 -7.30
N SER A 394 7.44 3.50 -7.09
CA SER A 394 7.80 4.66 -6.28
C SER A 394 6.69 5.09 -5.37
N MET A 395 7.03 5.42 -4.12
CA MET A 395 6.06 5.98 -3.19
C MET A 395 6.28 7.50 -3.08
N THR A 396 7.27 8.02 -3.82
CA THR A 396 7.56 9.45 -3.84
C THR A 396 7.30 9.98 -5.24
N ARG A 397 7.02 11.29 -5.34
CA ARG A 397 6.71 11.90 -6.62
C ARG A 397 7.90 11.71 -7.57
N VAL A 398 7.61 11.19 -8.77
CA VAL A 398 8.63 10.93 -9.82
C VAL A 398 8.62 12.08 -10.82
N ASP A 399 9.73 12.81 -10.88
CA ASP A 399 9.89 13.94 -11.80
C ASP A 399 10.61 13.45 -13.03
N ARG A 400 11.74 12.75 -12.85
CA ARG A 400 12.50 12.14 -13.92
C ARG A 400 12.19 10.63 -13.91
N VAL A 401 11.44 10.16 -14.90
CA VAL A 401 11.05 8.76 -14.96
C VAL A 401 12.26 7.88 -15.31
N PRO A 402 12.54 6.82 -14.53
CA PRO A 402 13.64 5.90 -14.89
C PRO A 402 13.36 5.20 -16.23
N ASP A 403 14.42 4.70 -16.91
CA ASP A 403 14.22 4.01 -18.21
C ASP A 403 13.41 2.73 -18.07
N GLY A 404 13.52 2.06 -16.93
CA GLY A 404 12.78 0.82 -16.76
C GLY A 404 13.32 -0.29 -17.63
N VAL A 405 12.62 -1.43 -17.65
CA VAL A 405 13.04 -2.62 -18.37
C VAL A 405 11.93 -3.18 -19.26
N GLN A 406 12.25 -3.50 -20.52
CA GLN A 406 11.25 -4.08 -21.41
C GLN A 406 11.15 -5.60 -21.07
N VAL A 407 10.22 -5.97 -20.16
CA VAL A 407 10.06 -7.34 -19.65
C VAL A 407 9.19 -8.25 -20.56
N ILE A 408 8.24 -7.64 -21.28
CA ILE A 408 7.39 -8.34 -22.23
C ILE A 408 7.53 -7.55 -23.54
N SER A 409 7.64 -8.24 -24.68
CA SER A 409 7.79 -7.51 -25.95
C SER A 409 6.58 -6.59 -26.21
N PRO A 410 6.79 -5.41 -26.82
CA PRO A 410 5.64 -4.51 -27.08
C PRO A 410 4.51 -5.18 -27.86
N GLU A 411 4.86 -6.10 -28.80
CA GLU A 411 3.89 -6.82 -29.64
C GLU A 411 3.00 -7.70 -28.76
N VAL A 412 3.62 -8.49 -27.88
CA VAL A 412 2.87 -9.36 -26.95
C VAL A 412 2.04 -8.54 -25.97
N ALA A 413 2.62 -7.47 -25.38
CA ALA A 413 1.86 -6.65 -24.44
C ALA A 413 0.65 -6.01 -25.10
N SER A 414 0.81 -5.49 -26.34
CA SER A 414 -0.32 -4.92 -27.08
C SER A 414 -1.41 -5.99 -27.31
N THR A 415 -1.02 -7.23 -27.67
CA THR A 415 -1.96 -8.32 -27.93
C THR A 415 -2.75 -8.66 -26.65
N VAL A 416 -2.03 -8.85 -25.53
CA VAL A 416 -2.68 -9.18 -24.24
C VAL A 416 -3.58 -8.05 -23.76
N GLN A 417 -3.17 -6.77 -23.96
CA GLN A 417 -4.03 -5.62 -23.65
C GLN A 417 -5.39 -5.78 -24.36
N GLY A 418 -5.38 -6.12 -25.67
CA GLY A 418 -6.62 -6.32 -26.44
C GLY A 418 -7.46 -7.46 -25.90
N MET A 419 -6.80 -8.58 -25.54
CA MET A 419 -7.52 -9.71 -24.94
C MET A 419 -8.20 -9.32 -23.63
N LEU A 420 -7.47 -8.58 -22.76
CA LEU A 420 -8.07 -8.14 -21.51
C LEU A 420 -9.20 -7.10 -21.70
N GLN A 421 -9.14 -6.30 -22.77
CA GLN A 421 -10.25 -5.36 -23.05
C GLN A 421 -11.49 -6.23 -23.39
N GLN A 422 -11.28 -7.34 -24.13
CA GLN A 422 -12.38 -8.26 -24.45
C GLN A 422 -12.93 -8.94 -23.19
N VAL A 423 -12.06 -9.29 -22.21
CA VAL A 423 -12.51 -9.87 -20.96
C VAL A 423 -13.55 -8.93 -20.32
N VAL A 424 -13.32 -7.61 -20.37
CA VAL A 424 -14.26 -6.68 -19.77
C VAL A 424 -15.51 -6.37 -20.61
N GLU A 425 -15.31 -6.19 -21.92
CA GLU A 425 -16.32 -5.73 -22.89
C GLU A 425 -17.09 -6.77 -23.69
N ALA A 426 -16.52 -7.97 -23.89
CA ALA A 426 -17.17 -9.02 -24.68
C ALA A 426 -18.37 -9.67 -24.01
N GLN A 427 -19.26 -10.31 -24.81
CA GLN A 427 -20.39 -11.02 -24.24
C GLN A 427 -19.86 -12.14 -23.38
N GLY A 428 -20.42 -12.25 -22.18
CA GLY A 428 -20.01 -13.25 -21.18
C GLY A 428 -18.83 -12.80 -20.34
N GLY A 429 -18.34 -11.58 -20.62
CA GLY A 429 -17.22 -10.98 -19.89
C GLY A 429 -17.58 -10.37 -18.54
N VAL A 430 -16.59 -9.71 -17.91
CA VAL A 430 -16.75 -9.08 -16.60
C VAL A 430 -17.38 -7.71 -16.85
N PHE A 431 -18.68 -7.69 -17.19
CA PHE A 431 -19.36 -6.44 -17.55
C PHE A 431 -19.37 -5.39 -16.44
N ARG A 432 -19.34 -5.80 -15.17
CA ARG A 432 -19.39 -4.89 -14.02
C ARG A 432 -18.13 -4.05 -13.89
N ALA A 433 -17.06 -4.42 -14.63
CA ALA A 433 -15.80 -3.69 -14.63
C ALA A 433 -15.75 -2.62 -15.74
N GLN A 434 -16.76 -2.57 -16.63
CA GLN A 434 -16.79 -1.57 -17.69
C GLN A 434 -16.79 -0.16 -17.12
N VAL A 435 -16.03 0.75 -17.74
CA VAL A 435 -15.86 2.13 -17.29
C VAL A 435 -16.53 3.07 -18.30
N PRO A 436 -17.63 3.74 -17.93
CA PRO A 436 -18.31 4.61 -18.93
C PRO A 436 -17.47 5.75 -19.49
N GLY A 437 -17.38 5.78 -20.81
CA GLY A 437 -16.59 6.77 -21.54
C GLY A 437 -15.23 6.27 -21.95
N TYR A 438 -14.79 5.12 -21.37
CA TYR A 438 -13.47 4.62 -21.69
C TYR A 438 -13.49 3.13 -21.99
N HIS A 439 -12.50 2.64 -22.75
CA HIS A 439 -12.34 1.20 -22.95
C HIS A 439 -11.50 0.77 -21.70
N ALA A 440 -11.95 -0.24 -20.95
CA ALA A 440 -11.17 -0.72 -19.79
C ALA A 440 -10.81 -2.17 -20.03
N ALA A 441 -9.74 -2.66 -19.37
CA ALA A 441 -9.22 -3.99 -19.55
C ALA A 441 -8.88 -4.58 -18.19
N GLY A 442 -9.02 -5.89 -18.04
CA GLY A 442 -8.68 -6.50 -16.74
C GLY A 442 -9.13 -7.93 -16.59
N LYS A 443 -8.92 -8.47 -15.40
CA LYS A 443 -9.23 -9.88 -15.13
C LYS A 443 -9.66 -10.04 -13.69
N SER A 444 -10.74 -10.80 -13.47
CA SER A 444 -11.16 -11.10 -12.11
C SER A 444 -10.51 -12.44 -11.67
N GLY A 445 -10.56 -12.71 -10.39
CA GLY A 445 -10.05 -13.95 -9.83
C GLY A 445 -10.36 -14.07 -8.36
N THR A 446 -10.18 -15.29 -7.83
CA THR A 446 -10.31 -15.59 -6.42
C THR A 446 -8.93 -15.98 -5.93
N ALA A 447 -8.45 -15.25 -4.96
CA ALA A 447 -7.16 -15.47 -4.34
C ALA A 447 -7.33 -16.40 -3.19
N ARG A 448 -6.25 -17.13 -2.85
CA ARG A 448 -6.28 -18.10 -1.76
C ARG A 448 -5.12 -17.79 -0.84
N LYS A 449 -5.38 -17.85 0.47
CA LYS A 449 -4.35 -17.65 1.50
C LYS A 449 -4.38 -18.84 2.48
N ASN A 460 -8.52 -22.51 4.52
CA ASN A 460 -8.11 -21.61 3.45
C ASN A 460 -8.91 -20.31 3.55
N ALA A 461 -8.22 -19.16 3.47
CA ALA A 461 -8.86 -17.84 3.46
C ALA A 461 -8.90 -17.42 1.99
N TYR A 462 -9.98 -16.76 1.58
CA TYR A 462 -10.17 -16.34 0.19
C TYR A 462 -10.30 -14.83 0.08
N ARG A 463 -9.97 -14.31 -1.09
CA ARG A 463 -10.15 -12.88 -1.45
C ARG A 463 -10.73 -12.78 -2.85
N SER A 464 -11.63 -11.79 -3.08
CA SER A 464 -12.13 -11.56 -4.41
C SER A 464 -11.25 -10.49 -5.01
N LEU A 465 -10.78 -10.73 -6.23
CA LEU A 465 -9.86 -9.79 -6.89
C LEU A 465 -10.36 -9.26 -8.20
N PHE A 466 -9.92 -8.03 -8.52
CA PHE A 466 -10.02 -7.58 -9.88
C PHE A 466 -8.75 -6.76 -10.14
N ALA A 467 -8.11 -7.04 -11.26
CA ALA A 467 -6.89 -6.30 -11.64
C ALA A 467 -7.08 -5.81 -13.04
N GLY A 468 -6.72 -4.57 -13.31
CA GLY A 468 -6.88 -4.09 -14.67
C GLY A 468 -6.24 -2.74 -14.89
N PHE A 469 -6.55 -2.17 -16.05
CA PHE A 469 -5.96 -0.87 -16.41
C PHE A 469 -6.86 -0.20 -17.42
N ALA A 470 -6.62 1.08 -17.65
CA ALA A 470 -7.46 1.86 -18.55
C ALA A 470 -6.70 3.15 -18.85
N PRO A 471 -7.05 3.86 -19.94
CA PRO A 471 -7.98 3.46 -21.02
C PRO A 471 -7.34 2.27 -21.74
N ALA A 472 -8.14 1.25 -22.09
CA ALA A 472 -7.59 0.02 -22.68
C ALA A 472 -6.77 0.20 -23.94
N THR A 473 -7.09 1.19 -24.78
CA THR A 473 -6.38 1.43 -26.04
C THR A 473 -5.13 2.32 -25.91
N ASP A 474 -4.93 2.98 -24.76
CA ASP A 474 -3.75 3.84 -24.52
C ASP A 474 -3.60 3.96 -22.98
N PRO A 475 -3.24 2.85 -22.30
CA PRO A 475 -3.28 2.84 -20.84
C PRO A 475 -2.51 3.89 -20.07
N ARG A 476 -3.14 4.34 -18.98
CA ARG A 476 -2.55 5.32 -18.08
C ARG A 476 -2.47 4.81 -16.65
N ILE A 477 -3.51 4.11 -16.19
CA ILE A 477 -3.59 3.70 -14.79
C ILE A 477 -3.82 2.21 -14.65
N ALA A 478 -3.14 1.57 -13.66
CA ALA A 478 -3.42 0.16 -13.35
C ALA A 478 -4.00 0.13 -11.95
N MET A 479 -4.87 -0.83 -11.64
CA MET A 479 -5.50 -0.85 -10.34
C MET A 479 -5.76 -2.29 -9.94
N VAL A 480 -5.64 -2.59 -8.65
CA VAL A 480 -5.96 -3.90 -8.10
C VAL A 480 -6.92 -3.67 -6.94
N VAL A 481 -8.03 -4.42 -6.88
CA VAL A 481 -8.99 -4.34 -5.80
C VAL A 481 -8.98 -5.70 -5.14
N VAL A 482 -8.79 -5.73 -3.82
CA VAL A 482 -8.78 -6.99 -3.04
C VAL A 482 -9.86 -6.84 -1.98
N ILE A 483 -10.81 -7.77 -1.94
CA ILE A 483 -11.86 -7.73 -0.92
C ILE A 483 -11.85 -9.10 -0.24
N ASP A 484 -11.63 -9.14 1.08
CA ASP A 484 -11.51 -10.38 1.86
C ASP A 484 -12.87 -11.06 1.88
N GLU A 485 -12.88 -12.39 1.67
CA GLU A 485 -14.13 -13.11 1.51
C GLU A 485 -14.60 -13.99 2.64
N PRO A 486 -15.84 -13.76 3.15
CA PRO A 486 -16.43 -14.70 4.11
C PRO A 486 -16.68 -16.01 3.36
N SER A 487 -17.27 -15.89 2.13
CA SER A 487 -17.53 -16.89 1.08
C SER A 487 -18.15 -18.24 1.47
N LYS A 488 -18.46 -19.05 0.42
CA LYS A 488 -19.02 -20.40 0.52
C LYS A 488 -18.70 -21.17 -0.76
N ALA A 489 -17.40 -21.52 -0.93
CA ALA A 489 -16.80 -22.24 -2.08
C ALA A 489 -17.11 -21.61 -3.44
N GLY A 490 -17.34 -20.29 -3.44
CA GLY A 490 -17.69 -19.49 -4.61
C GLY A 490 -16.58 -18.61 -5.13
N TYR A 491 -16.81 -18.00 -6.30
CA TYR A 491 -15.87 -17.15 -7.04
C TYR A 491 -16.59 -15.85 -7.34
N PHE A 492 -16.28 -14.82 -6.55
CA PHE A 492 -16.99 -13.54 -6.59
C PHE A 492 -16.19 -12.33 -7.09
N GLY A 493 -14.97 -12.53 -7.59
CA GLY A 493 -14.15 -11.43 -8.12
C GLY A 493 -14.92 -10.52 -9.08
N GLY A 494 -15.68 -11.13 -10.01
CA GLY A 494 -16.46 -10.37 -11.00
C GLY A 494 -17.74 -9.71 -10.48
N LEU A 495 -18.18 -10.12 -9.29
CA LEU A 495 -19.39 -9.58 -8.68
C LEU A 495 -19.06 -8.50 -7.63
N VAL A 496 -18.04 -8.73 -6.79
CA VAL A 496 -17.70 -7.85 -5.68
C VAL A 496 -16.61 -6.83 -5.99
N SER A 497 -15.52 -7.29 -6.60
CA SER A 497 -14.39 -6.39 -6.85
C SER A 497 -14.47 -5.61 -8.15
N ALA A 498 -15.01 -6.21 -9.23
CA ALA A 498 -15.13 -5.52 -10.52
C ALA A 498 -15.89 -4.19 -10.44
N PRO A 499 -17.03 -4.07 -9.68
CA PRO A 499 -17.74 -2.78 -9.63
C PRO A 499 -16.92 -1.68 -8.94
N VAL A 500 -16.04 -2.05 -7.98
CA VAL A 500 -15.17 -1.11 -7.26
C VAL A 500 -14.17 -0.56 -8.27
N PHE A 501 -13.58 -1.46 -9.09
CA PHE A 501 -12.67 -1.05 -10.14
C PHE A 501 -13.38 -0.05 -11.09
N SER A 502 -14.62 -0.37 -11.52
CA SER A 502 -15.35 0.50 -12.44
C SER A 502 -15.46 1.93 -11.91
N LYS A 503 -15.91 2.05 -10.65
CA LYS A 503 -16.18 3.34 -10.01
C LYS A 503 -14.91 4.11 -9.73
N VAL A 504 -13.91 3.42 -9.17
CA VAL A 504 -12.63 4.08 -8.88
C VAL A 504 -11.85 4.44 -10.15
N MET A 505 -11.83 3.59 -11.18
CA MET A 505 -11.14 3.92 -12.41
C MET A 505 -11.80 5.11 -13.11
N ALA A 506 -13.13 5.14 -13.16
CA ALA A 506 -13.84 6.27 -13.78
C ALA A 506 -13.47 7.59 -13.09
N GLY A 507 -13.50 7.60 -11.76
CA GLY A 507 -13.17 8.78 -11.00
C GLY A 507 -11.71 9.19 -11.13
N ALA A 508 -10.79 8.21 -11.07
CA ALA A 508 -9.34 8.46 -11.22
C ALA A 508 -8.98 9.04 -12.60
N LEU A 509 -9.49 8.43 -13.69
CA LEU A 509 -9.23 8.91 -15.05
C LEU A 509 -9.75 10.33 -15.19
N ARG A 510 -10.94 10.63 -14.65
CA ARG A 510 -11.48 11.99 -14.74
C ARG A 510 -10.66 12.99 -13.95
N LEU A 511 -10.20 12.60 -12.75
CA LEU A 511 -9.37 13.44 -11.88
C LEU A 511 -8.03 13.76 -12.53
N MET A 512 -7.54 12.85 -13.38
CA MET A 512 -6.29 13.03 -14.10
C MET A 512 -6.48 13.61 -15.50
N ASN A 513 -7.73 14.04 -15.81
CA ASN A 513 -8.05 14.66 -17.11
C ASN A 513 -7.68 13.77 -18.30
N VAL A 514 -7.82 12.46 -18.15
CA VAL A 514 -7.50 11.53 -19.23
C VAL A 514 -8.62 11.62 -20.27
N PRO A 515 -8.30 11.86 -21.56
CA PRO A 515 -9.38 11.92 -22.57
C PRO A 515 -10.14 10.60 -22.75
N PRO A 516 -11.49 10.62 -22.80
CA PRO A 516 -12.25 9.38 -23.09
C PRO A 516 -11.81 8.79 -24.45
N ASP A 517 -11.57 7.45 -24.52
CA ASP A 517 -11.06 6.81 -25.74
C ASP A 517 -12.12 5.98 -26.50
N ASN A 518 -13.34 5.87 -25.95
CA ASN A 518 -14.44 5.14 -26.56
C ASN A 518 -15.22 6.15 -27.44
N LEU A 519 -14.58 6.59 -28.53
CA LEU A 519 -15.12 7.58 -29.47
C LEU A 519 -15.32 6.94 -30.88
N PRO A 520 -16.22 7.48 -31.76
CA PRO A 520 -16.42 6.86 -33.08
C PRO A 520 -15.18 6.82 -33.99
N THR A 521 -14.49 5.64 -33.98
CA THR A 521 -13.29 5.24 -34.73
C THR A 521 -12.62 6.30 -35.60
#